data_3T2H
#
_entry.id   3T2H
#
_cell.length_a   96.892
_cell.length_b   96.892
_cell.length_c   105.549
_cell.angle_alpha   90.00
_cell.angle_beta   90.00
_cell.angle_gamma   90.00
#
_symmetry.space_group_name_H-M   'P 41 21 2'
#
loop_
_entity.id
_entity.type
_entity.pdbx_description
1 polymer Thermolysin
2 non-polymer 'CALCIUM ION'
3 non-polymer 'ZINC ION'
4 non-polymer 'CHLORIDE ION'
5 non-polymer 'SODIUM ION'
6 non-polymer 'trimethylamine oxide'
7 non-polymer 'DIMETHYL SULFOXIDE'
8 water water
#
_entity_poly.entity_id   1
_entity_poly.type   'polypeptide(L)'
_entity_poly.pdbx_seq_one_letter_code
;ITGTSTVGVGRGVLGDQKNINTTYSTYYYLQDNTRGDGIFTYDAKYRTTLPGSLWADADNQFFASYDAPAVDAHYYAGVT
YDYYKNVHNRLSYDGNNAAIRSSVHYSQGYNNAFWNGSEMVYGDGDGQTFIPLSGGIDVVAHELTHAVTDYTAGLIYQNE
SGAINEAISDIFGTLVEFYANKNPDWEIGEDVYTPGISGDSLRSMSDPAKYGDPDHYSKRYTGTQDNGGVHINSGIINKA
AYLISQGGTHYGVSVVGIGRDKLGKIFYRALTQYLTPTSNFSQLRAAAVQSATDLYGSTSQEVASVKQAFDAVGVK
;
_entity_poly.pdbx_strand_id   E
#
loop_
_chem_comp.id
_chem_comp.type
_chem_comp.name
_chem_comp.formula
CA non-polymer 'CALCIUM ION' 'Ca 2'
CL non-polymer 'CHLORIDE ION' 'Cl -1'
DMS non-polymer 'DIMETHYL SULFOXIDE' 'C2 H6 O S'
NA non-polymer 'SODIUM ION' 'Na 1'
TMO non-polymer 'trimethylamine oxide' 'C3 H9 N O'
ZN non-polymer 'ZINC ION' 'Zn 2'
#
# COMPACT_ATOMS: atom_id res chain seq x y z
N ILE A 1 -1.74 -14.12 -22.41
CA ILE A 1 -2.19 -14.66 -23.73
C ILE A 1 -1.91 -13.67 -24.86
N THR A 2 -1.90 -14.17 -26.09
CA THR A 2 -1.74 -13.32 -27.25
CA THR A 2 -1.74 -13.34 -27.27
C THR A 2 -3.13 -12.85 -27.68
N GLY A 3 -3.25 -11.60 -28.10
CA GLY A 3 -4.55 -11.06 -28.48
C GLY A 3 -4.50 -9.56 -28.63
N THR A 4 -5.66 -8.95 -28.82
CA THR A 4 -5.78 -7.51 -29.07
C THR A 4 -5.91 -6.76 -27.76
N SER A 5 -5.13 -5.68 -27.59
CA SER A 5 -5.33 -4.79 -26.45
C SER A 5 -6.64 -4.02 -26.60
N THR A 6 -7.49 -4.08 -25.58
CA THR A 6 -8.83 -3.47 -25.60
C THR A 6 -9.07 -2.74 -24.27
N VAL A 7 -10.12 -1.93 -24.19
CA VAL A 7 -10.45 -1.22 -22.96
C VAL A 7 -11.88 -1.53 -22.58
N GLY A 8 -12.08 -2.26 -21.49
CA GLY A 8 -13.40 -2.57 -21.00
C GLY A 8 -13.79 -1.56 -19.95
N VAL A 9 -14.96 -1.77 -19.39
CA VAL A 9 -15.51 -0.85 -18.41
CA VAL A 9 -15.51 -0.85 -18.41
C VAL A 9 -16.17 -1.71 -17.32
N GLY A 10 -16.12 -1.24 -16.09
CA GLY A 10 -16.78 -1.96 -15.03
C GLY A 10 -16.93 -1.15 -13.76
N ARG A 11 -17.37 -1.84 -12.72
CA ARG A 11 -17.64 -1.25 -11.42
CA ARG A 11 -17.55 -1.21 -11.43
C ARG A 11 -16.83 -1.99 -10.37
N GLY A 12 -16.16 -1.26 -9.49
CA GLY A 12 -15.39 -1.86 -8.42
C GLY A 12 -16.20 -2.16 -7.17
N VAL A 13 -15.46 -2.49 -6.11
CA VAL A 13 -16.04 -3.01 -4.89
C VAL A 13 -16.91 -1.93 -4.22
N LEU A 14 -16.58 -0.65 -4.43
CA LEU A 14 -17.34 0.41 -3.80
C LEU A 14 -18.45 0.93 -4.69
N GLY A 15 -18.61 0.37 -5.89
CA GLY A 15 -19.70 0.79 -6.80
C GLY A 15 -19.36 1.86 -7.84
N ASP A 16 -18.11 2.36 -7.85
CA ASP A 16 -17.65 3.31 -8.87
C ASP A 16 -17.25 2.67 -10.18
N GLN A 17 -17.58 3.37 -11.25
CA GLN A 17 -17.21 2.93 -12.58
C GLN A 17 -15.77 3.29 -12.91
N LYS A 18 -15.09 2.42 -13.65
CA LYS A 18 -13.74 2.70 -14.14
C LYS A 18 -13.45 1.86 -15.39
N ASN A 19 -12.57 2.37 -16.26
CA ASN A 19 -12.09 1.64 -17.42
C ASN A 19 -10.97 0.70 -17.02
N ILE A 20 -10.90 -0.44 -17.68
CA ILE A 20 -9.83 -1.40 -17.42
C ILE A 20 -9.23 -1.93 -18.71
N ASN A 21 -7.91 -2.08 -18.70
CA ASN A 21 -7.21 -2.59 -19.86
C ASN A 21 -7.33 -4.11 -19.96
N THR A 22 -7.78 -4.59 -21.12
CA THR A 22 -8.01 -6.00 -21.31
C THR A 22 -7.30 -6.51 -22.58
N THR A 23 -7.35 -7.84 -22.77
CA THR A 23 -6.83 -8.46 -23.97
C THR A 23 -7.93 -9.40 -24.53
N TYR A 24 -8.22 -9.22 -25.83
CA TYR A 24 -9.30 -9.94 -26.50
C TYR A 24 -8.76 -11.09 -27.30
N SER A 25 -9.21 -12.28 -26.98
CA SER A 25 -8.94 -13.50 -27.78
C SER A 25 -10.08 -14.46 -27.47
N THR A 26 -11.15 -14.35 -28.27
CA THR A 26 -12.46 -14.98 -28.02
C THR A 26 -13.16 -14.39 -26.81
N TYR A 27 -12.50 -14.42 -25.64
CA TYR A 27 -12.98 -13.74 -24.42
C TYR A 27 -12.13 -12.50 -24.19
N TYR A 28 -12.64 -11.58 -23.38
CA TYR A 28 -11.87 -10.44 -22.87
C TYR A 28 -11.23 -10.82 -21.54
N TYR A 29 -9.89 -10.81 -21.49
CA TYR A 29 -9.15 -11.26 -20.32
C TYR A 29 -8.65 -10.05 -19.54
N LEU A 30 -8.58 -10.16 -18.20
CA LEU A 30 -7.92 -9.10 -17.40
C LEU A 30 -6.39 -9.20 -17.53
N GLN A 31 -5.93 -8.71 -18.66
CA GLN A 31 -4.52 -8.68 -18.99
C GLN A 31 -4.28 -7.33 -19.62
N ASP A 32 -3.53 -6.51 -18.88
CA ASP A 32 -3.25 -5.13 -19.25
C ASP A 32 -1.83 -5.10 -19.85
N ASN A 33 -1.76 -4.92 -21.17
CA ASN A 33 -0.46 -4.98 -21.84
C ASN A 33 0.27 -3.65 -21.83
N THR A 34 -0.35 -2.64 -21.25
CA THR A 34 0.17 -1.25 -21.38
C THR A 34 1.21 -0.90 -20.31
N ARG A 35 1.36 -1.77 -19.31
CA ARG A 35 2.26 -1.50 -18.18
C ARG A 35 3.31 -2.58 -18.00
N GLY A 36 4.57 -2.21 -18.27
CA GLY A 36 5.68 -3.12 -18.12
C GLY A 36 5.46 -4.44 -18.83
N ASP A 37 5.83 -5.54 -18.17
CA ASP A 37 5.59 -6.86 -18.71
C ASP A 37 4.13 -7.33 -18.52
N GLY A 38 3.21 -6.43 -18.15
CA GLY A 38 1.81 -6.80 -18.04
C GLY A 38 1.25 -6.80 -16.63
N ILE A 39 -0.03 -6.52 -16.53
CA ILE A 39 -0.76 -6.73 -15.26
C ILE A 39 -1.83 -7.77 -15.55
N PHE A 40 -1.83 -8.86 -14.78
CA PHE A 40 -2.66 -10.03 -15.05
C PHE A 40 -3.47 -10.31 -13.79
N THR A 41 -4.81 -10.43 -13.94
CA THR A 41 -5.68 -10.69 -12.80
C THR A 41 -6.46 -12.00 -13.05
N TYR A 42 -6.49 -12.83 -12.00
CA TYR A 42 -6.90 -14.25 -12.07
C TYR A 42 -8.06 -14.49 -11.11
N ASP A 43 -8.90 -15.43 -11.47
CA ASP A 43 -9.92 -15.95 -10.57
C ASP A 43 -9.43 -17.21 -9.89
N ALA A 44 -9.33 -17.16 -8.56
CA ALA A 44 -9.07 -18.35 -7.75
C ALA A 44 -10.33 -19.23 -7.53
N LYS A 45 -11.52 -18.68 -7.80
CA LYS A 45 -12.82 -19.43 -7.80
C LYS A 45 -13.12 -20.10 -6.44
N TYR A 46 -12.72 -19.40 -5.37
CA TYR A 46 -12.92 -19.81 -3.96
C TYR A 46 -12.02 -20.97 -3.54
N ARG A 47 -11.04 -21.32 -4.37
CA ARG A 47 -10.07 -22.35 -4.00
C ARG A 47 -8.86 -21.63 -3.38
N THR A 48 -7.87 -22.40 -2.94
CA THR A 48 -6.65 -21.82 -2.40
C THR A 48 -5.49 -22.08 -3.36
N THR A 49 -5.75 -22.71 -4.51
CA THR A 49 -4.72 -22.96 -5.52
CA THR A 49 -4.71 -22.97 -5.50
C THR A 49 -4.38 -21.66 -6.24
N LEU A 50 -3.12 -21.39 -6.47
CA LEU A 50 -2.74 -20.12 -7.10
C LEU A 50 -1.93 -20.34 -8.37
N PRO A 51 -2.09 -19.45 -9.38
CA PRO A 51 -2.91 -18.23 -9.34
C PRO A 51 -4.40 -18.43 -9.68
N GLY A 52 -4.78 -19.60 -10.20
CA GLY A 52 -6.15 -19.77 -10.72
C GLY A 52 -6.18 -19.51 -12.22
N SER A 53 -7.33 -19.07 -12.72
CA SER A 53 -7.56 -18.88 -14.16
C SER A 53 -7.46 -17.42 -14.52
N LEU A 54 -6.75 -17.10 -15.61
CA LEU A 54 -6.70 -15.71 -16.07
C LEU A 54 -8.13 -15.28 -16.33
N TRP A 55 -8.53 -14.15 -15.74
CA TRP A 55 -9.97 -13.78 -15.72
C TRP A 55 -10.54 -13.53 -17.11
N ALA A 56 -11.58 -14.29 -17.46
CA ALA A 56 -12.19 -14.24 -18.80
C ALA A 56 -13.61 -13.75 -18.67
N ASP A 57 -13.97 -12.80 -19.53
CA ASP A 57 -15.30 -12.21 -19.52
C ASP A 57 -15.80 -12.14 -20.98
N ALA A 58 -17.07 -12.51 -21.18
CA ALA A 58 -17.61 -12.59 -22.56
C ALA A 58 -17.71 -11.26 -23.33
N ASP A 59 -18.01 -10.16 -22.63
CA ASP A 59 -18.40 -8.95 -23.35
C ASP A 59 -17.61 -7.67 -22.99
N ASN A 60 -16.57 -7.79 -22.15
CA ASN A 60 -15.71 -6.62 -21.78
C ASN A 60 -16.44 -5.60 -20.90
N GLN A 61 -17.54 -6.02 -20.30
CA GLN A 61 -18.24 -5.21 -19.32
C GLN A 61 -18.21 -5.92 -18.00
N PHE A 62 -17.79 -5.21 -16.96
CA PHE A 62 -17.52 -5.89 -15.68
C PHE A 62 -18.34 -5.24 -14.56
N PHE A 63 -19.67 -5.41 -14.62
CA PHE A 63 -20.60 -4.77 -13.67
C PHE A 63 -21.27 -5.80 -12.72
N ALA A 64 -21.01 -7.10 -12.86
CA ALA A 64 -21.57 -8.06 -11.88
C ALA A 64 -20.90 -7.92 -10.50
N SER A 65 -21.60 -8.22 -9.40
CA SER A 65 -20.96 -8.16 -8.10
CA SER A 65 -20.98 -8.19 -8.08
C SER A 65 -19.73 -9.09 -8.07
N TYR A 66 -19.84 -10.26 -8.70
CA TYR A 66 -18.74 -11.22 -8.71
C TYR A 66 -17.48 -10.62 -9.41
N ASP A 67 -17.69 -9.69 -10.34
CA ASP A 67 -16.58 -9.04 -11.07
C ASP A 67 -15.83 -8.00 -10.24
N ALA A 68 -16.50 -7.37 -9.29
CA ALA A 68 -15.95 -6.17 -8.63
C ALA A 68 -14.56 -6.35 -7.98
N PRO A 69 -14.33 -7.45 -7.21
CA PRO A 69 -12.96 -7.58 -6.69
C PRO A 69 -11.88 -7.67 -7.80
N ALA A 70 -12.22 -8.26 -8.95
CA ALA A 70 -11.26 -8.43 -10.04
C ALA A 70 -10.99 -7.08 -10.67
N VAL A 71 -12.06 -6.33 -10.91
CA VAL A 71 -11.95 -4.96 -11.44
C VAL A 71 -10.95 -4.15 -10.58
N ASP A 72 -11.14 -4.16 -9.26
CA ASP A 72 -10.29 -3.36 -8.39
C ASP A 72 -8.87 -3.88 -8.23
N ALA A 73 -8.68 -5.20 -8.16
CA ALA A 73 -7.31 -5.69 -8.04
C ALA A 73 -6.53 -5.28 -9.29
N HIS A 74 -7.20 -5.39 -10.45
CA HIS A 74 -6.58 -5.08 -11.74
C HIS A 74 -6.33 -3.59 -11.88
N TYR A 75 -7.35 -2.80 -11.57
CA TYR A 75 -7.27 -1.36 -11.77
C TYR A 75 -6.27 -0.71 -10.80
N TYR A 76 -6.36 -1.08 -9.53
CA TYR A 76 -5.48 -0.51 -8.51
C TYR A 76 -4.01 -1.00 -8.63
N ALA A 77 -3.81 -2.19 -9.18
CA ALA A 77 -2.43 -2.61 -9.51
C ALA A 77 -1.87 -1.63 -10.56
N GLY A 78 -2.71 -1.28 -11.54
CA GLY A 78 -2.33 -0.28 -12.56
C GLY A 78 -2.01 1.09 -11.97
N VAL A 79 -2.83 1.54 -11.03
CA VAL A 79 -2.58 2.86 -10.38
C VAL A 79 -1.27 2.85 -9.59
N THR A 80 -1.05 1.75 -8.87
CA THR A 80 0.18 1.56 -8.09
C THR A 80 1.40 1.56 -9.01
N TYR A 81 1.32 0.78 -10.10
CA TYR A 81 2.32 0.83 -11.16
C TYR A 81 2.54 2.28 -11.64
N ASP A 82 1.46 3.03 -11.91
CA ASP A 82 1.66 4.41 -12.42
C ASP A 82 2.33 5.31 -11.38
N TYR A 83 1.90 5.15 -10.13
CA TYR A 83 2.49 5.90 -9.01
C TYR A 83 4.00 5.66 -8.97
N TYR A 84 4.42 4.41 -8.93
CA TYR A 84 5.87 4.19 -8.75
C TYR A 84 6.65 4.64 -9.98
N LYS A 85 6.06 4.46 -11.15
CA LYS A 85 6.75 4.88 -12.38
C LYS A 85 6.82 6.39 -12.50
N ASN A 86 5.67 7.06 -12.38
CA ASN A 86 5.61 8.49 -12.63
C ASN A 86 6.26 9.31 -11.50
N VAL A 87 6.12 8.81 -10.26
CA VAL A 87 6.55 9.61 -9.13
C VAL A 87 7.98 9.24 -8.72
N HIS A 88 8.37 7.97 -8.83
CA HIS A 88 9.71 7.56 -8.36
C HIS A 88 10.62 6.95 -9.42
N ASN A 89 10.17 6.98 -10.67
CA ASN A 89 10.90 6.37 -11.80
C ASN A 89 11.23 4.92 -11.53
N ARG A 90 10.31 4.22 -10.85
CA ARG A 90 10.50 2.79 -10.57
C ARG A 90 9.52 2.00 -11.43
N LEU A 91 10.06 1.02 -12.17
CA LEU A 91 9.25 0.26 -13.11
C LEU A 91 8.82 -1.05 -12.49
N SER A 92 7.55 -1.12 -12.09
CA SER A 92 6.98 -2.24 -11.34
C SER A 92 7.66 -2.44 -9.98
N TYR A 93 7.28 -3.49 -9.25
CA TYR A 93 7.79 -3.64 -7.88
C TYR A 93 9.29 -3.94 -7.83
N ASP A 94 9.85 -4.56 -8.87
CA ASP A 94 11.27 -4.91 -8.89
C ASP A 94 12.19 -3.90 -9.63
N GLY A 95 11.62 -2.80 -10.13
CA GLY A 95 12.33 -1.84 -10.94
C GLY A 95 12.71 -2.33 -12.35
N ASN A 96 12.32 -3.57 -12.65
CA ASN A 96 12.55 -4.17 -13.98
C ASN A 96 11.26 -4.59 -14.71
N ASN A 97 10.16 -3.94 -14.39
CA ASN A 97 8.92 -4.21 -15.15
C ASN A 97 8.40 -5.62 -14.99
N ALA A 98 8.68 -6.24 -13.84
CA ALA A 98 8.11 -7.56 -13.53
C ALA A 98 6.58 -7.51 -13.73
N ALA A 99 6.03 -8.57 -14.32
CA ALA A 99 4.55 -8.66 -14.39
C ALA A 99 3.93 -8.59 -13.02
N ILE A 100 2.81 -7.89 -12.90
CA ILE A 100 2.06 -7.90 -11.65
C ILE A 100 0.85 -8.84 -11.76
N ARG A 101 0.89 -9.94 -11.01
CA ARG A 101 -0.22 -10.91 -11.04
C ARG A 101 -0.99 -10.84 -9.71
N SER A 102 -2.32 -10.94 -9.78
CA SER A 102 -3.18 -10.88 -8.60
C SER A 102 -4.26 -11.94 -8.75
N SER A 103 -4.62 -12.59 -7.66
CA SER A 103 -5.72 -13.55 -7.70
C SER A 103 -6.76 -13.05 -6.73
N VAL A 104 -8.03 -13.06 -7.17
CA VAL A 104 -9.16 -12.67 -6.32
C VAL A 104 -10.10 -13.89 -6.09
N HIS A 105 -11.09 -13.75 -5.19
CA HIS A 105 -11.94 -14.87 -4.75
C HIS A 105 -11.08 -16.00 -4.23
N TYR A 106 -10.06 -15.62 -3.48
CA TYR A 106 -9.18 -16.59 -2.84
C TYR A 106 -9.87 -17.15 -1.62
N SER A 107 -9.97 -18.48 -1.57
CA SER A 107 -10.58 -19.18 -0.43
C SER A 107 -12.02 -18.72 -0.21
N GLN A 108 -12.57 -18.91 0.99
CA GLN A 108 -13.93 -18.43 1.32
C GLN A 108 -13.92 -17.71 2.66
N GLY A 109 -14.63 -16.60 2.72
CA GLY A 109 -14.66 -15.75 3.92
C GLY A 109 -13.30 -15.36 4.44
N TYR A 110 -12.32 -15.17 3.54
CA TYR A 110 -10.96 -14.95 3.98
C TYR A 110 -10.68 -13.46 4.20
N ASN A 111 -10.36 -13.11 5.46
CA ASN A 111 -10.32 -11.71 5.89
C ASN A 111 -8.89 -11.17 5.79
N ASN A 112 -8.28 -11.33 4.62
CA ASN A 112 -6.90 -10.91 4.46
C ASN A 112 -6.50 -10.73 3.00
N ALA A 113 -5.39 -10.05 2.78
CA ALA A 113 -4.80 -9.96 1.44
C ALA A 113 -3.30 -9.95 1.65
N PHE A 114 -2.53 -10.51 0.70
CA PHE A 114 -1.08 -10.54 0.89
C PHE A 114 -0.31 -10.64 -0.43
N TRP A 115 0.89 -10.11 -0.38
CA TRP A 115 1.93 -10.36 -1.38
C TRP A 115 2.68 -11.62 -0.97
N ASN A 116 2.72 -12.64 -1.83
CA ASN A 116 3.31 -13.91 -1.41
C ASN A 116 4.73 -14.10 -1.93
N GLY A 117 5.30 -13.03 -2.49
CA GLY A 117 6.62 -13.13 -3.11
C GLY A 117 6.60 -13.19 -4.62
N SER A 118 5.51 -13.67 -5.22
CA SER A 118 5.36 -13.74 -6.69
CA SER A 118 5.37 -13.71 -6.69
C SER A 118 4.10 -13.03 -7.19
N GLU A 119 3.12 -12.83 -6.30
CA GLU A 119 1.80 -12.28 -6.72
C GLU A 119 1.01 -11.74 -5.56
N MET A 120 -0.03 -10.96 -5.89
CA MET A 120 -1.01 -10.54 -4.91
C MET A 120 -2.12 -11.56 -4.75
N VAL A 121 -2.61 -11.70 -3.53
CA VAL A 121 -3.72 -12.64 -3.25
C VAL A 121 -4.73 -11.88 -2.39
N TYR A 122 -6.01 -11.89 -2.79
CA TYR A 122 -7.04 -11.14 -2.07
C TYR A 122 -8.19 -12.06 -1.64
N GLY A 123 -8.47 -12.09 -0.35
CA GLY A 123 -9.72 -12.67 0.14
C GLY A 123 -10.90 -11.81 -0.17
N ASP A 124 -12.09 -12.41 -0.11
CA ASP A 124 -13.35 -11.67 -0.25
C ASP A 124 -13.84 -11.07 1.09
N GLY A 125 -13.16 -11.41 2.17
CA GLY A 125 -13.65 -11.04 3.52
C GLY A 125 -14.87 -11.90 3.90
N ASP A 126 -15.36 -11.75 5.12
CA ASP A 126 -16.55 -12.50 5.52
C ASP A 126 -17.81 -11.69 5.45
N GLY A 127 -17.69 -10.46 4.93
CA GLY A 127 -18.85 -9.60 4.78
C GLY A 127 -19.19 -8.81 6.04
N GLN A 128 -18.51 -9.11 7.15
CA GLN A 128 -18.75 -8.38 8.40
CA GLN A 128 -18.75 -8.42 8.43
C GLN A 128 -17.52 -7.59 8.83
N THR A 129 -16.38 -8.28 8.96
CA THR A 129 -15.08 -7.64 9.24
C THR A 129 -14.54 -6.94 7.98
N PHE A 130 -14.63 -7.63 6.84
CA PHE A 130 -14.16 -7.08 5.59
C PHE A 130 -15.13 -7.39 4.46
N ILE A 131 -15.18 -6.48 3.49
CA ILE A 131 -15.67 -6.78 2.15
C ILE A 131 -14.44 -7.06 1.26
N PRO A 132 -14.63 -7.43 -0.04
CA PRO A 132 -13.40 -7.89 -0.74
C PRO A 132 -12.22 -6.90 -0.64
N LEU A 133 -11.06 -7.39 -0.22
CA LEU A 133 -9.95 -6.51 0.19
C LEU A 133 -9.31 -5.73 -0.95
N SER A 134 -9.42 -6.23 -2.18
CA SER A 134 -8.93 -5.45 -3.33
C SER A 134 -9.71 -4.15 -3.49
N GLY A 135 -10.82 -4.00 -2.78
CA GLY A 135 -11.57 -2.74 -2.89
C GLY A 135 -10.86 -1.53 -2.24
N GLY A 136 -9.83 -1.78 -1.44
CA GLY A 136 -9.09 -0.70 -0.76
C GLY A 136 -7.83 -0.43 -1.56
N ILE A 137 -7.74 0.72 -2.20
CA ILE A 137 -6.52 1.03 -2.96
C ILE A 137 -5.28 1.05 -2.05
N ASP A 138 -5.45 1.53 -0.82
CA ASP A 138 -4.35 1.54 0.14
C ASP A 138 -3.88 0.13 0.54
N VAL A 139 -4.81 -0.82 0.57
CA VAL A 139 -4.48 -2.21 0.84
C VAL A 139 -3.66 -2.79 -0.31
N VAL A 140 -4.14 -2.60 -1.53
CA VAL A 140 -3.43 -3.02 -2.75
C VAL A 140 -2.01 -2.44 -2.76
N ALA A 141 -1.90 -1.13 -2.57
CA ALA A 141 -0.58 -0.48 -2.61
C ALA A 141 0.29 -0.83 -1.40
N HIS A 142 -0.32 -0.95 -0.22
CA HIS A 142 0.41 -1.43 1.00
C HIS A 142 1.11 -2.78 0.70
N GLU A 143 0.34 -3.72 0.18
CA GLU A 143 0.90 -5.06 -0.09
C GLU A 143 1.94 -5.04 -1.20
N LEU A 144 1.69 -4.32 -2.30
CA LEU A 144 2.70 -4.26 -3.39
C LEU A 144 3.97 -3.57 -2.90
N THR A 145 3.82 -2.62 -1.95
CA THR A 145 4.99 -1.98 -1.35
C THR A 145 5.87 -2.97 -0.52
N HIS A 146 5.29 -3.99 0.10
CA HIS A 146 6.11 -5.06 0.68
C HIS A 146 7.05 -5.69 -0.37
N ALA A 147 6.56 -5.89 -1.60
CA ALA A 147 7.45 -6.43 -2.67
C ALA A 147 8.57 -5.41 -2.97
N VAL A 148 8.21 -4.13 -3.02
CA VAL A 148 9.25 -3.09 -3.25
C VAL A 148 10.33 -3.17 -2.14
N THR A 149 9.87 -3.22 -0.89
CA THR A 149 10.81 -3.39 0.24
C THR A 149 11.67 -4.66 0.12
N ASP A 150 11.04 -5.80 -0.22
CA ASP A 150 11.73 -7.07 -0.40
C ASP A 150 12.83 -6.94 -1.47
N TYR A 151 12.59 -6.12 -2.50
CA TYR A 151 13.57 -5.96 -3.59
C TYR A 151 14.58 -4.86 -3.38
N THR A 152 14.48 -4.15 -2.25
CA THR A 152 15.38 -3.01 -1.97
C THR A 152 16.07 -3.24 -0.62
N ALA A 153 15.54 -2.63 0.46
CA ALA A 153 16.14 -2.73 1.79
C ALA A 153 16.12 -4.16 2.35
N GLY A 154 15.05 -4.92 2.08
CA GLY A 154 14.92 -6.28 2.65
C GLY A 154 14.70 -6.26 4.17
N LEU A 155 14.00 -5.23 4.67
CA LEU A 155 13.68 -5.12 6.11
C LEU A 155 13.08 -6.42 6.64
N ILE A 156 13.63 -6.90 7.76
CA ILE A 156 13.19 -8.14 8.40
C ILE A 156 11.85 -7.88 9.08
N TYR A 157 10.89 -8.80 8.91
CA TYR A 157 9.54 -8.63 9.40
C TYR A 157 9.36 -9.03 10.87
N GLN A 158 10.07 -8.36 11.76
CA GLN A 158 10.02 -8.65 13.20
C GLN A 158 10.50 -7.40 13.91
N ASN A 159 9.94 -7.12 15.09
CA ASN A 159 10.44 -6.06 15.96
C ASN A 159 10.52 -4.71 15.24
N GLU A 160 11.53 -3.88 15.52
CA GLU A 160 11.49 -2.51 14.99
C GLU A 160 11.66 -2.49 13.48
N SER A 161 12.55 -3.36 12.96
CA SER A 161 12.71 -3.53 11.49
C SER A 161 11.38 -3.81 10.85
N GLY A 162 10.65 -4.75 11.43
CA GLY A 162 9.32 -5.13 10.90
C GLY A 162 8.28 -4.04 10.99
N ALA A 163 8.34 -3.23 12.07
CA ALA A 163 7.45 -2.06 12.17
C ALA A 163 7.76 -0.97 11.12
N ILE A 164 9.04 -0.79 10.81
CA ILE A 164 9.44 0.10 9.69
C ILE A 164 8.90 -0.46 8.40
N ASN A 165 9.05 -1.76 8.22
CA ASN A 165 8.51 -2.46 7.03
C ASN A 165 7.02 -2.16 6.84
N GLU A 166 6.22 -2.35 7.89
CA GLU A 166 4.78 -2.04 7.91
C GLU A 166 4.52 -0.57 7.62
N ALA A 167 5.27 0.33 8.29
CA ALA A 167 5.04 1.77 8.14
C ALA A 167 5.34 2.25 6.70
N ILE A 168 6.43 1.74 6.11
CA ILE A 168 6.73 1.97 4.70
C ILE A 168 5.52 1.59 3.81
N SER A 169 4.91 0.43 4.06
CA SER A 169 3.75 -0.01 3.26
C SER A 169 2.53 0.89 3.52
N ASP A 170 2.34 1.31 4.77
CA ASP A 170 1.23 2.25 5.07
C ASP A 170 1.46 3.64 4.43
N ILE A 171 2.69 4.13 4.48
CA ILE A 171 3.05 5.43 3.87
C ILE A 171 2.84 5.39 2.37
N PHE A 172 3.43 4.41 1.66
CA PHE A 172 3.23 4.38 0.21
C PHE A 172 1.83 3.93 -0.19
N GLY A 173 1.18 3.11 0.64
CA GLY A 173 -0.25 2.80 0.38
C GLY A 173 -1.09 4.07 0.39
N THR A 174 -0.84 4.91 1.38
CA THR A 174 -1.56 6.19 1.49
C THR A 174 -1.17 7.16 0.37
N LEU A 175 0.11 7.18 -0.01
CA LEU A 175 0.55 8.10 -1.07
C LEU A 175 -0.03 7.71 -2.42
N VAL A 176 -0.19 6.41 -2.63
CA VAL A 176 -0.89 5.93 -3.82
C VAL A 176 -2.37 6.33 -3.80
N GLU A 177 -3.00 6.19 -2.64
CA GLU A 177 -4.40 6.61 -2.46
C GLU A 177 -4.58 8.11 -2.79
N PHE A 178 -3.65 8.96 -2.32
CA PHE A 178 -3.68 10.38 -2.69
C PHE A 178 -3.38 10.56 -4.20
N TYR A 179 -2.48 9.76 -4.75
CA TYR A 179 -2.15 9.87 -6.18
C TYR A 179 -3.40 9.58 -7.03
N ALA A 180 -4.15 8.56 -6.64
CA ALA A 180 -5.39 8.20 -7.34
C ALA A 180 -6.42 9.30 -7.15
N ASN A 181 -6.35 10.03 -6.05
CA ASN A 181 -7.07 11.31 -5.92
C ASN A 181 -8.59 11.18 -5.84
N LYS A 182 -9.10 10.01 -5.42
CA LYS A 182 -10.55 9.85 -5.33
C LYS A 182 -11.11 10.14 -3.92
N ASN A 183 -10.72 9.34 -2.89
CA ASN A 183 -11.13 9.56 -1.48
CA ASN A 183 -11.13 9.53 -1.47
C ASN A 183 -9.98 9.30 -0.47
N PRO A 184 -8.88 10.06 -0.63
CA PRO A 184 -7.69 9.86 0.22
C PRO A 184 -7.88 10.33 1.64
N ASP A 185 -7.02 9.81 2.52
CA ASP A 185 -7.01 10.11 3.94
C ASP A 185 -5.72 9.47 4.47
N TRP A 186 -5.50 9.57 5.79
CA TRP A 186 -4.31 9.00 6.44
C TRP A 186 -4.73 7.82 7.35
N GLU A 187 -5.83 7.18 6.99
CA GLU A 187 -6.23 5.93 7.63
C GLU A 187 -5.97 4.76 6.67
N ILE A 188 -5.98 3.55 7.22
CA ILE A 188 -5.61 2.38 6.44
C ILE A 188 -6.77 1.36 6.38
N GLY A 189 -7.25 1.06 5.19
CA GLY A 189 -8.28 0.01 4.98
C GLY A 189 -9.69 0.49 5.24
N GLU A 190 -9.89 1.80 5.36
CA GLU A 190 -11.24 2.37 5.65
C GLU A 190 -12.28 1.96 4.61
N ASP A 191 -11.86 1.68 3.37
CA ASP A 191 -12.85 1.42 2.32
C ASP A 191 -13.41 0.02 2.43
N VAL A 192 -12.64 -0.90 3.00
CA VAL A 192 -13.06 -2.30 3.02
C VAL A 192 -13.31 -2.89 4.41
N TYR A 193 -12.98 -2.15 5.46
CA TYR A 193 -13.11 -2.67 6.83
C TYR A 193 -14.52 -2.38 7.35
N THR A 194 -15.15 -3.36 8.00
CA THR A 194 -16.44 -3.18 8.72
C THR A 194 -17.52 -2.41 7.96
N PRO A 195 -18.13 -3.02 6.92
CA PRO A 195 -19.13 -2.25 6.14
C PRO A 195 -20.31 -1.70 6.99
N GLY A 196 -20.59 -2.32 8.12
CA GLY A 196 -21.67 -1.81 9.01
C GLY A 196 -21.35 -0.47 9.69
N ILE A 197 -20.06 -0.16 9.86
CA ILE A 197 -19.62 0.97 10.67
C ILE A 197 -18.96 2.07 9.83
N SER A 198 -19.54 3.26 9.88
CA SER A 198 -19.00 4.43 9.18
C SER A 198 -17.77 4.95 9.92
N GLY A 199 -16.82 5.53 9.18
CA GLY A 199 -15.70 6.28 9.78
C GLY A 199 -14.61 5.59 10.59
N ASP A 200 -14.55 4.25 10.56
CA ASP A 200 -13.45 3.53 11.21
C ASP A 200 -12.41 3.00 10.19
N SER A 201 -11.40 2.31 10.67
CA SER A 201 -10.39 1.70 9.78
C SER A 201 -9.51 0.81 10.62
N LEU A 202 -8.51 0.21 10.01
CA LEU A 202 -7.60 -0.69 10.72
C LEU A 202 -6.64 0.08 11.58
N ARG A 203 -6.20 1.23 11.11
CA ARG A 203 -5.29 2.07 11.88
C ARG A 203 -5.25 3.48 11.33
N SER A 204 -4.80 4.42 12.15
CA SER A 204 -4.76 5.81 11.75
C SER A 204 -3.29 6.25 11.81
N MET A 205 -2.82 6.90 10.74
CA MET A 205 -1.46 7.45 10.73
C MET A 205 -1.45 8.83 11.37
N SER A 206 -2.55 9.56 11.26
CA SER A 206 -2.61 10.90 11.87
C SER A 206 -2.81 10.84 13.38
N ASP A 207 -3.46 9.78 13.85
CA ASP A 207 -3.71 9.64 15.29
C ASP A 207 -3.72 8.15 15.67
N PRO A 208 -2.52 7.53 15.75
CA PRO A 208 -2.47 6.07 15.99
C PRO A 208 -3.25 5.66 17.25
N ALA A 209 -3.24 6.53 18.27
CA ALA A 209 -3.95 6.28 19.52
C ALA A 209 -5.45 6.10 19.33
N LYS A 210 -6.03 6.62 18.25
CA LYS A 210 -7.45 6.43 17.97
C LYS A 210 -7.81 4.94 18.06
N TYR A 211 -6.92 4.09 17.54
CA TYR A 211 -7.12 2.63 17.64
C TYR A 211 -6.19 1.92 18.62
N GLY A 212 -5.64 2.62 19.61
CA GLY A 212 -4.81 1.93 20.60
C GLY A 212 -3.35 1.69 20.23
N ASP A 213 -2.90 2.25 19.13
CA ASP A 213 -1.50 2.14 18.72
C ASP A 213 -0.63 3.25 19.29
N PRO A 214 0.66 2.96 19.54
CA PRO A 214 1.56 3.96 20.09
C PRO A 214 1.84 5.11 19.11
N ASP A 215 1.98 6.32 19.66
CA ASP A 215 2.32 7.48 18.83
C ASP A 215 3.61 8.13 19.33
N HIS A 216 4.40 7.35 20.05
CA HIS A 216 5.62 7.84 20.64
C HIS A 216 6.47 6.63 21.03
N TYR A 217 7.78 6.74 20.88
CA TYR A 217 8.68 5.61 21.19
C TYR A 217 8.59 5.09 22.62
N SER A 218 8.29 5.99 23.57
CA SER A 218 8.12 5.57 24.99
C SER A 218 6.93 4.59 25.20
N LYS A 219 6.04 4.51 24.22
CA LYS A 219 4.86 3.63 24.26
C LYS A 219 5.03 2.40 23.35
N ARG A 220 6.26 2.14 22.89
CA ARG A 220 6.51 0.98 22.02
C ARG A 220 6.11 -0.32 22.71
N TYR A 221 5.52 -1.21 21.93
CA TYR A 221 5.10 -2.53 22.38
C TYR A 221 6.31 -3.46 22.30
N THR A 222 6.58 -4.20 23.37
CA THR A 222 7.72 -5.13 23.40
C THR A 222 7.33 -6.58 23.62
N GLY A 223 6.05 -6.93 23.49
CA GLY A 223 5.65 -8.36 23.53
C GLY A 223 5.98 -9.20 22.30
N THR A 224 5.51 -10.44 22.24
CA THR A 224 5.82 -11.33 21.12
C THR A 224 4.72 -11.48 20.06
N GLN A 225 3.50 -11.04 20.38
CA GLN A 225 2.40 -11.07 19.41
C GLN A 225 2.74 -10.24 18.16
N ASP A 226 2.14 -10.60 17.03
CA ASP A 226 2.21 -9.78 15.82
C ASP A 226 3.69 -9.57 15.40
N ASN A 227 4.47 -10.65 15.49
CA ASN A 227 5.90 -10.58 15.15
C ASN A 227 6.64 -9.47 15.92
N GLY A 228 6.32 -9.33 17.21
CA GLY A 228 6.89 -8.26 18.02
C GLY A 228 6.21 -6.91 17.74
N GLY A 229 4.92 -6.91 17.40
CA GLY A 229 4.17 -5.65 17.27
C GLY A 229 4.34 -4.87 15.98
N VAL A 230 4.57 -5.57 14.87
CA VAL A 230 4.86 -4.82 13.62
C VAL A 230 3.74 -3.90 13.16
N HIS A 231 2.48 -4.28 13.39
CA HIS A 231 1.34 -3.42 13.00
C HIS A 231 0.95 -2.47 14.11
N ILE A 232 1.56 -2.63 15.27
CA ILE A 232 1.30 -1.78 16.44
C ILE A 232 2.35 -0.66 16.51
N ASN A 233 3.62 -1.03 16.55
CA ASN A 233 4.71 -0.07 16.54
C ASN A 233 4.86 0.76 15.27
N SER A 234 4.25 0.30 14.19
CA SER A 234 4.23 1.08 12.96
C SER A 234 3.60 2.47 13.20
N GLY A 235 2.77 2.59 14.25
CA GLY A 235 2.10 3.86 14.58
C GLY A 235 3.09 4.96 14.87
N ILE A 236 4.21 4.59 15.47
CA ILE A 236 5.26 5.54 15.81
C ILE A 236 5.86 6.18 14.55
N ILE A 237 6.15 5.35 13.54
CA ILE A 237 6.73 5.87 12.29
C ILE A 237 5.65 6.46 11.41
N ASN A 238 4.45 5.86 11.40
CA ASN A 238 3.34 6.46 10.64
C ASN A 238 3.03 7.90 11.10
N LYS A 239 3.03 8.11 12.41
CA LYS A 239 2.77 9.45 12.94
C LYS A 239 3.91 10.40 12.53
N ALA A 240 5.17 9.94 12.62
CA ALA A 240 6.32 10.77 12.14
C ALA A 240 6.14 11.17 10.67
N ALA A 241 5.71 10.23 9.82
CA ALA A 241 5.51 10.53 8.38
C ALA A 241 4.38 11.54 8.19
N TYR A 242 3.28 11.34 8.93
CA TYR A 242 2.16 12.27 8.90
C TYR A 242 2.63 13.68 9.31
N LEU A 243 3.43 13.78 10.37
CA LEU A 243 3.93 15.08 10.83
C LEU A 243 4.81 15.74 9.77
N ILE A 244 5.72 14.96 9.22
CA ILE A 244 6.57 15.49 8.13
C ILE A 244 5.74 16.10 6.99
N SER A 245 4.66 15.43 6.59
CA SER A 245 3.88 15.92 5.44
C SER A 245 2.97 17.10 5.86
N GLN A 246 2.19 16.89 6.92
CA GLN A 246 1.07 17.79 7.26
C GLN A 246 1.37 18.77 8.40
N GLY A 247 2.47 18.52 9.11
CA GLY A 247 2.80 19.30 10.29
C GLY A 247 1.93 18.99 11.51
N GLY A 248 2.23 19.63 12.64
CA GLY A 248 1.40 19.47 13.82
C GLY A 248 2.23 19.74 15.04
N THR A 249 1.59 19.79 16.20
CA THR A 249 2.34 19.92 17.44
C THR A 249 1.99 18.72 18.25
N HIS A 250 2.96 17.80 18.37
CA HIS A 250 2.69 16.47 18.92
C HIS A 250 3.50 16.33 20.21
N TYR A 251 2.84 16.04 21.32
CA TYR A 251 3.49 16.09 22.66
C TYR A 251 4.28 17.38 22.83
N GLY A 252 3.70 18.50 22.37
CA GLY A 252 4.32 19.81 22.54
C GLY A 252 5.46 20.13 21.59
N VAL A 253 5.80 19.21 20.68
CA VAL A 253 6.89 19.42 19.70
C VAL A 253 6.29 19.84 18.36
N SER A 254 6.62 21.04 17.91
CA SER A 254 6.01 21.59 16.70
CA SER A 254 6.00 21.57 16.71
C SER A 254 6.79 21.09 15.49
N VAL A 255 6.06 20.63 14.47
CA VAL A 255 6.72 20.14 13.28
C VAL A 255 6.13 20.96 12.13
N VAL A 256 7.00 21.53 11.31
CA VAL A 256 6.57 22.27 10.12
C VAL A 256 6.37 21.28 8.97
N GLY A 257 5.15 21.19 8.44
CA GLY A 257 4.84 20.19 7.40
C GLY A 257 5.43 20.59 6.07
N ILE A 258 5.90 19.61 5.27
CA ILE A 258 6.50 19.92 3.98
C ILE A 258 5.77 19.34 2.79
N GLY A 259 4.66 18.67 3.07
CA GLY A 259 3.83 18.13 2.00
C GLY A 259 4.12 16.66 1.66
N ARG A 260 3.17 16.06 0.94
CA ARG A 260 3.14 14.62 0.65
C ARG A 260 4.24 14.26 -0.34
N ASP A 261 4.45 15.09 -1.35
CA ASP A 261 5.43 14.73 -2.39
C ASP A 261 6.85 14.60 -1.83
N LYS A 262 7.23 15.56 -0.98
CA LYS A 262 8.53 15.55 -0.35
C LYS A 262 8.66 14.42 0.69
N LEU A 263 7.60 14.17 1.47
CA LEU A 263 7.59 12.96 2.31
C LEU A 263 7.94 11.73 1.46
N GLY A 264 7.24 11.59 0.35
CA GLY A 264 7.47 10.47 -0.59
C GLY A 264 8.90 10.31 -1.08
N LYS A 265 9.48 11.42 -1.55
CA LYS A 265 10.88 11.42 -2.01
C LYS A 265 11.84 11.03 -0.91
N ILE A 266 11.64 11.58 0.27
CA ILE A 266 12.56 11.36 1.37
C ILE A 266 12.52 9.89 1.78
N PHE A 267 11.31 9.35 1.98
CA PHE A 267 11.21 7.94 2.39
C PHE A 267 11.56 6.95 1.30
N TYR A 268 11.23 7.24 0.03
CA TYR A 268 11.65 6.36 -1.07
C TYR A 268 13.16 6.28 -1.16
N ARG A 269 13.82 7.43 -1.09
CA ARG A 269 15.31 7.44 -1.09
C ARG A 269 15.89 6.68 0.11
N ALA A 270 15.33 6.90 1.30
CA ALA A 270 15.79 6.17 2.48
C ALA A 270 15.66 4.68 2.24
N LEU A 271 14.49 4.27 1.72
CA LEU A 271 14.22 2.84 1.54
C LEU A 271 15.19 2.22 0.54
N THR A 272 15.42 2.90 -0.59
CA THR A 272 16.18 2.27 -1.68
C THR A 272 17.71 2.43 -1.51
N GLN A 273 18.16 3.42 -0.73
CA GLN A 273 19.58 3.76 -0.65
C GLN A 273 20.22 3.44 0.67
N TYR A 274 19.46 3.55 1.76
CA TYR A 274 20.11 3.62 3.07
C TYR A 274 19.65 2.56 4.08
N LEU A 275 18.38 2.15 4.03
CA LEU A 275 17.90 1.11 4.99
C LEU A 275 18.50 -0.25 4.65
N THR A 276 18.63 -1.10 5.68
CA THR A 276 19.24 -2.42 5.55
C THR A 276 18.24 -3.36 6.22
N PRO A 277 18.48 -4.69 6.19
CA PRO A 277 17.44 -5.58 6.74
C PRO A 277 17.16 -5.40 8.23
N THR A 278 18.16 -4.97 8.99
CA THR A 278 17.99 -4.81 10.44
C THR A 278 17.89 -3.36 10.91
N SER A 279 17.66 -2.39 10.01
CA SER A 279 17.45 -1.01 10.46
C SER A 279 16.42 -0.92 11.59
N ASN A 280 16.79 -0.23 12.68
CA ASN A 280 15.87 0.08 13.78
C ASN A 280 15.33 1.54 13.63
N PHE A 281 14.52 2.02 14.58
CA PHE A 281 13.89 3.35 14.37
C PHE A 281 14.92 4.47 14.31
N SER A 282 15.93 4.41 15.17
CA SER A 282 17.00 5.41 15.20
CA SER A 282 16.97 5.44 15.17
C SER A 282 17.76 5.44 13.86
N GLN A 283 17.96 4.25 13.28
CA GLN A 283 18.63 4.15 11.99
C GLN A 283 17.75 4.65 10.84
N LEU A 284 16.44 4.43 10.95
CA LEU A 284 15.50 5.05 10.03
C LEU A 284 15.59 6.57 10.11
N ARG A 285 15.61 7.14 11.33
CA ARG A 285 15.69 8.62 11.43
C ARG A 285 16.98 9.09 10.70
N ALA A 286 18.10 8.39 10.93
CA ALA A 286 19.39 8.74 10.30
C ALA A 286 19.30 8.64 8.77
N ALA A 287 18.65 7.60 8.27
CA ALA A 287 18.50 7.46 6.83
C ALA A 287 17.64 8.58 6.22
N ALA A 288 16.56 8.95 6.92
CA ALA A 288 15.64 9.98 6.43
C ALA A 288 16.35 11.33 6.45
N VAL A 289 17.08 11.63 7.54
CA VAL A 289 17.87 12.87 7.61
C VAL A 289 18.90 12.92 6.45
N GLN A 290 19.60 11.80 6.22
CA GLN A 290 20.61 11.77 5.14
C GLN A 290 19.92 11.93 3.81
N SER A 291 18.80 11.22 3.61
CA SER A 291 18.04 11.36 2.34
C SER A 291 17.56 12.78 2.06
N ALA A 292 16.93 13.41 3.05
CA ALA A 292 16.50 14.82 2.93
C ALA A 292 17.73 15.72 2.70
N THR A 293 18.84 15.40 3.37
CA THR A 293 20.10 16.15 3.09
C THR A 293 20.53 16.04 1.62
N ASP A 294 20.61 14.83 1.10
CA ASP A 294 20.95 14.62 -0.32
C ASP A 294 20.02 15.39 -1.24
N LEU A 295 18.73 15.37 -0.94
CA LEU A 295 17.76 15.97 -1.84
C LEU A 295 17.66 17.49 -1.72
N TYR A 296 17.76 18.01 -0.50
CA TYR A 296 17.37 19.40 -0.23
C TYR A 296 18.49 20.24 0.37
N GLY A 297 19.54 19.59 0.87
CA GLY A 297 20.68 20.29 1.53
C GLY A 297 20.58 20.28 3.05
N SER A 298 21.72 20.28 3.74
CA SER A 298 21.76 20.14 5.22
C SER A 298 21.07 21.27 5.98
N THR A 299 21.02 22.47 5.39
CA THR A 299 20.39 23.63 6.04
C THR A 299 18.93 23.81 5.65
N SER A 300 18.34 22.85 4.92
CA SER A 300 16.98 23.01 4.44
C SER A 300 15.91 22.88 5.52
N GLN A 301 14.76 23.49 5.27
CA GLN A 301 13.53 23.24 6.04
C GLN A 301 13.23 21.74 6.06
N GLU A 302 13.45 21.07 4.93
CA GLU A 302 13.00 19.66 4.79
C GLU A 302 13.78 18.83 5.80
N VAL A 303 15.10 19.05 5.88
CA VAL A 303 15.92 18.37 6.90
C VAL A 303 15.46 18.73 8.30
N ALA A 304 15.26 20.02 8.59
CA ALA A 304 14.79 20.41 9.91
C ALA A 304 13.45 19.75 10.29
N SER A 305 12.53 19.65 9.34
CA SER A 305 11.21 19.06 9.65
C SER A 305 11.31 17.56 9.91
N VAL A 306 12.14 16.87 9.13
CA VAL A 306 12.41 15.42 9.44
C VAL A 306 12.91 15.27 10.89
N LYS A 307 13.88 16.08 11.29
CA LYS A 307 14.38 16.06 12.67
C LYS A 307 13.30 16.35 13.72
N GLN A 308 12.50 17.39 13.50
CA GLN A 308 11.36 17.73 14.39
C GLN A 308 10.39 16.54 14.50
N ALA A 309 10.05 15.94 13.37
CA ALA A 309 9.05 14.85 13.37
C ALA A 309 9.55 13.66 14.19
N PHE A 310 10.81 13.25 13.97
CA PHE A 310 11.35 12.17 14.81
C PHE A 310 11.49 12.55 16.29
N ASP A 311 11.92 13.79 16.56
CA ASP A 311 11.90 14.30 17.95
C ASP A 311 10.51 14.17 18.56
N ALA A 312 9.48 14.58 17.81
CA ALA A 312 8.11 14.58 18.33
C ALA A 312 7.63 13.18 18.73
N VAL A 313 8.07 12.16 17.97
CA VAL A 313 7.71 10.76 18.33
C VAL A 313 8.75 10.03 19.20
N GLY A 314 9.74 10.76 19.73
CA GLY A 314 10.72 10.21 20.67
C GLY A 314 11.78 9.29 20.10
N VAL A 315 12.03 9.42 18.80
CA VAL A 315 13.04 8.61 18.12
C VAL A 315 14.30 9.48 17.95
N LYS A 316 15.33 9.18 18.74
CA LYS A 316 16.56 10.00 18.74
C LYS A 316 17.56 9.60 17.67
CA CA B . -6.74 5.06 3.36
CA CA C . -9.53 6.61 1.71
CA CA D . -19.24 -9.19 -18.64
CA CA E . -16.09 0.46 8.39
ZN ZN F . 1.90 -5.09 5.74
ZN ZN G . -0.22 14.54 18.56
CL CL H . -1.72 12.82 18.14
CL CL I . 0.64 -6.82 6.28
CL CL J . -0.25 15.94 16.79
CL CL K . -15.30 1.13 -6.79
CL CL L . -0.52 15.58 20.53
CL CL M . 19.37 13.92 13.46
CL CL N . -24.51 -9.40 -10.00
CL CL O . -5.13 -19.28 -17.14
NA NA P . -5.55 -1.49 17.10
CAA TMO Q . -7.34 -19.55 -21.56
NAC TMO Q . -5.89 -19.48 -21.49
CAD TMO Q . -5.59 -18.27 -20.70
CAB TMO Q . -5.35 -20.65 -20.79
OAE TMO Q . -5.46 -19.40 -22.67
CAA TMO R . -4.23 14.25 15.42
NAC TMO R . -5.01 14.94 16.46
CAD TMO R . -6.14 15.68 15.88
CAB TMO R . -5.57 13.96 17.41
OAE TMO R . -4.24 15.73 17.05
CAA TMO S . 4.50 -9.73 2.67
NAC TMO S . 3.44 -10.16 3.61
CAD TMO S . 3.31 -11.63 3.58
CAB TMO S . 3.82 -9.76 4.98
OAE TMO S . 2.36 -9.64 3.26
S DMS T . -20.48 -17.07 -10.66
O DMS T . -20.76 -15.43 -10.02
C1 DMS T . -18.91 -17.11 -11.55
C2 DMS T . -20.22 -18.11 -9.22
S DMS U . 14.89 -11.47 -4.05
O DMS U . 15.91 -9.98 -4.15
C1 DMS U . 13.25 -11.08 -3.37
C2 DMS U . 14.46 -12.04 -5.72
#